data_3S5Q
#
_entry.id   3S5Q
#
_cell.length_a   41.062
_cell.length_b   60.473
_cell.length_c   77.221
_cell.angle_alpha   90.000
_cell.angle_beta   90.000
_cell.angle_gamma   90.000
#
_symmetry.space_group_name_H-M   'P 21 21 21'
#
loop_
_entity.id
_entity.type
_entity.pdbx_description
1 polymer 'Putative glycosylhydrolase'
2 non-polymer 'IODIDE ION'
3 non-polymer 1,2-ETHANEDIOL
4 water water
#
_entity_poly.entity_id   1
_entity_poly.type   'polypeptide(L)'
_entity_poly.pdbx_seq_one_letter_code
;(MSE)GSDKIHHHHHHENLYFQGYRPLFDKDLSNADYDSSVWTFKNGILTATADQSIWTKVQYENFILDLEFKTDVNTNS
GVVIYCTDKGNWIPSSIEIQIADDHHPEWQSYPEYWRCGSIYGHKGANEQLVVKKPGEWNR(MSE)IITAKGQQIDIELN
GKHIVSANLADWTSGTTNPDGTEIPEWLPIPYAN(MSE)PTKGYIGLQGKHGESNIWFRNIQLKQL
;
_entity_poly.pdbx_strand_id   A
#
loop_
_chem_comp.id
_chem_comp.type
_chem_comp.name
_chem_comp.formula
EDO non-polymer 1,2-ETHANEDIOL 'C2 H6 O2'
IOD non-polymer 'IODIDE ION' 'I -1'
#
# COMPACT_ATOMS: atom_id res chain seq x y z
N GLY A 2 -6.11 -29.20 -7.96
CA GLY A 2 -6.52 -29.19 -9.41
C GLY A 2 -6.13 -27.88 -10.07
N SER A 3 -6.44 -27.73 -11.36
CA SER A 3 -5.89 -26.63 -12.17
C SER A 3 -6.88 -25.51 -12.53
N ASP A 4 -8.11 -25.55 -12.00
CA ASP A 4 -9.11 -24.52 -12.33
C ASP A 4 -8.87 -23.14 -11.70
N LYS A 5 -9.09 -22.10 -12.51
CA LYS A 5 -9.12 -20.68 -12.10
C LYS A 5 -10.52 -20.01 -12.30
N ILE A 6 -11.15 -20.30 -13.44
CA ILE A 6 -12.28 -19.53 -13.92
C ILE A 6 -13.63 -19.88 -13.24
N HIS A 7 -13.62 -20.88 -12.35
CA HIS A 7 -14.84 -21.32 -11.64
C HIS A 7 -14.75 -21.25 -10.11
N HIS A 8 -13.75 -20.52 -9.61
CA HIS A 8 -13.55 -20.35 -8.19
C HIS A 8 -13.73 -18.86 -7.82
N HIS A 9 -14.55 -18.62 -6.80
CA HIS A 9 -14.79 -17.24 -6.34
C HIS A 9 -13.69 -16.79 -5.43
N HIS A 10 -13.30 -15.53 -5.52
CA HIS A 10 -12.18 -15.03 -4.72
C HIS A 10 -12.60 -14.44 -3.37
N HIS A 11 -13.91 -14.31 -3.16
CA HIS A 11 -14.45 -13.80 -1.91
C HIS A 11 -15.59 -14.69 -1.45
N HIS A 12 -15.83 -14.73 -0.13
CA HIS A 12 -16.90 -15.54 0.41
C HIS A 12 -18.24 -14.84 0.18
N GLU A 13 -18.19 -13.51 0.09
CA GLU A 13 -19.31 -12.67 -0.32
C GLU A 13 -18.78 -11.35 -0.93
N ASN A 14 -19.62 -10.70 -1.71
CA ASN A 14 -19.32 -9.38 -2.27
C ASN A 14 -18.93 -8.42 -1.12
N LEU A 15 -17.81 -7.71 -1.32
CA LEU A 15 -17.33 -6.76 -0.35
C LEU A 15 -18.31 -5.64 -0.15
N TYR A 16 -19.15 -5.37 -1.14
CA TYR A 16 -20.17 -4.33 -0.99
C TYR A 16 -21.11 -4.58 0.23
N PHE A 17 -21.51 -5.81 0.40
CA PHE A 17 -22.36 -6.15 1.51
C PHE A 17 -21.63 -6.15 2.87
N GLN A 18 -20.29 -6.22 2.83
CA GLN A 18 -19.42 -6.15 4.04
C GLN A 18 -19.16 -4.68 4.47
N GLY A 19 -19.73 -3.77 3.69
CA GLY A 19 -19.66 -2.34 3.95
C GLY A 19 -18.61 -1.56 3.12
N TYR A 20 -17.94 -2.24 2.19
CA TYR A 20 -16.87 -1.62 1.39
C TYR A 20 -17.47 -0.86 0.20
N ARG A 21 -16.84 0.26 -0.15
CA ARG A 21 -17.15 1.02 -1.36
C ARG A 21 -15.84 1.32 -2.12
N PRO A 22 -15.92 1.36 -3.48
CA PRO A 22 -14.71 1.68 -4.24
C PRO A 22 -14.11 3.02 -3.82
N LEU A 23 -12.79 3.03 -3.69
CA LEU A 23 -12.08 4.24 -3.29
C LEU A 23 -12.17 5.34 -4.34
N PHE A 24 -12.03 4.97 -5.60
CA PHE A 24 -12.06 5.93 -6.70
C PHE A 24 -13.23 5.67 -7.61
N ASP A 25 -13.88 6.74 -8.03
CA ASP A 25 -14.86 6.74 -9.10
C ASP A 25 -14.29 6.27 -10.39
N LYS A 26 -15.18 5.79 -11.24
CA LYS A 26 -14.82 5.17 -12.49
C LYS A 26 -14.05 6.14 -13.41
N ASP A 27 -14.39 7.42 -13.33
CA ASP A 27 -13.69 8.44 -14.13
C ASP A 27 -12.56 9.15 -13.35
N LEU A 28 -12.29 8.68 -12.13
CA LEU A 28 -11.30 9.28 -11.22
C LEU A 28 -11.59 10.74 -10.83
N SER A 29 -12.86 11.14 -10.87
CA SER A 29 -13.22 12.52 -10.58
C SER A 29 -12.98 12.90 -9.11
N ASN A 30 -12.90 11.90 -8.21
CA ASN A 30 -12.66 12.13 -6.80
C ASN A 30 -11.19 11.83 -6.44
N ALA A 31 -10.33 11.86 -7.45
CA ALA A 31 -8.88 11.64 -7.25
C ALA A 31 -8.07 12.83 -7.74
N ASP A 32 -6.93 13.04 -7.09
CA ASP A 32 -5.93 13.99 -7.54
CA ASP A 32 -5.90 14.00 -7.53
C ASP A 32 -4.78 13.23 -8.23
N TYR A 33 -4.63 13.47 -9.52
CA TYR A 33 -3.60 12.79 -10.29
C TYR A 33 -3.24 13.60 -11.54
N ASP A 34 -2.13 13.22 -12.17
CA ASP A 34 -1.81 13.69 -13.52
C ASP A 34 -2.38 12.70 -14.51
N SER A 35 -3.31 13.17 -15.33
CA SER A 35 -3.98 12.31 -16.30
C SER A 35 -3.04 11.72 -17.35
N SER A 36 -1.82 12.24 -17.44
CA SER A 36 -0.81 11.67 -18.34
CA SER A 36 -0.85 11.64 -18.35
C SER A 36 -0.12 10.47 -17.69
N VAL A 37 -0.31 10.30 -16.38
CA VAL A 37 0.36 9.23 -15.63
C VAL A 37 -0.58 8.09 -15.31
N TRP A 38 -1.75 8.41 -14.78
CA TRP A 38 -2.68 7.39 -14.35
C TRP A 38 -3.83 7.23 -15.32
N THR A 39 -4.13 5.99 -15.67
CA THR A 39 -5.35 5.66 -16.41
C THR A 39 -6.13 4.58 -15.66
N PHE A 40 -7.45 4.56 -15.86
CA PHE A 40 -8.34 3.57 -15.25
C PHE A 40 -9.12 3.04 -16.44
N LYS A 41 -8.71 1.91 -16.96
CA LYS A 41 -9.27 1.43 -18.20
C LYS A 41 -9.54 -0.07 -18.01
N ASN A 42 -10.75 -0.51 -18.36
CA ASN A 42 -11.16 -1.94 -18.32
C ASN A 42 -11.05 -2.51 -16.93
N GLY A 43 -11.41 -1.66 -15.96
CA GLY A 43 -11.33 -1.95 -14.55
C GLY A 43 -9.99 -1.86 -13.82
N ILE A 44 -8.92 -1.52 -14.56
CA ILE A 44 -7.54 -1.64 -14.08
C ILE A 44 -6.87 -0.26 -13.98
N LEU A 45 -6.29 0.03 -12.83
CA LEU A 45 -5.64 1.33 -12.59
C LEU A 45 -4.12 1.15 -12.74
N THR A 46 -3.49 1.98 -13.54
CA THR A 46 -2.06 1.86 -13.77
C THR A 46 -1.43 3.22 -14.04
N ALA A 47 -0.13 3.30 -13.73
CA ALA A 47 0.67 4.51 -13.77
C ALA A 47 1.86 4.28 -14.74
N THR A 48 2.24 5.27 -15.52
CA THR A 48 3.43 5.11 -16.40
C THR A 48 4.65 5.98 -15.98
N ALA A 49 4.56 6.62 -14.81
CA ALA A 49 5.66 7.41 -14.25
C ALA A 49 5.58 7.33 -12.76
N ASP A 50 6.60 7.89 -12.10
CA ASP A 50 6.68 7.93 -10.65
C ASP A 50 6.01 9.19 -10.11
N GLN A 51 4.69 9.31 -10.33
CA GLN A 51 3.85 10.31 -9.65
C GLN A 51 2.66 9.58 -9.06
N SER A 52 2.17 10.03 -7.90
CA SER A 52 1.15 9.26 -7.17
CA SER A 52 1.15 9.30 -7.13
C SER A 52 -0.27 9.72 -7.52
N ILE A 53 -1.23 8.88 -7.15
CA ILE A 53 -2.66 9.22 -7.25
C ILE A 53 -3.22 9.28 -5.84
N TRP A 54 -4.01 10.33 -5.56
CA TRP A 54 -4.47 10.63 -4.21
C TRP A 54 -5.98 10.79 -4.13
N THR A 55 -6.52 10.42 -2.98
CA THR A 55 -7.89 10.72 -2.66
C THR A 55 -7.98 12.24 -2.47
N LYS A 56 -9.19 12.77 -2.67
CA LYS A 56 -9.48 14.16 -2.37
C LYS A 56 -9.98 14.40 -0.96
N VAL A 57 -10.34 13.32 -0.26
CA VAL A 57 -10.82 13.42 1.12
C VAL A 57 -9.85 12.61 2.00
N GLN A 58 -9.77 12.96 3.28
CA GLN A 58 -8.91 12.28 4.22
C GLN A 58 -9.68 11.19 4.93
N TYR A 59 -8.96 10.16 5.34
CA TYR A 59 -9.56 8.98 5.95
C TYR A 59 -8.83 8.59 7.23
N GLU A 60 -9.61 8.11 8.19
CA GLU A 60 -9.12 7.49 9.41
C GLU A 60 -10.02 6.27 9.75
N ASN A 61 -9.53 5.37 10.58
CA ASN A 61 -10.32 4.25 11.06
C ASN A 61 -11.01 3.49 9.93
N PHE A 62 -10.18 2.93 9.05
CA PHE A 62 -10.65 2.27 7.82
C PHE A 62 -9.93 0.96 7.53
N ILE A 63 -10.52 0.22 6.61
CA ILE A 63 -9.91 -0.97 6.02
C ILE A 63 -9.89 -0.76 4.51
N LEU A 64 -8.70 -0.78 3.98
CA LEU A 64 -8.45 -0.61 2.55
C LEU A 64 -8.07 -1.98 2.00
N ASP A 65 -8.87 -2.43 1.03
CA ASP A 65 -8.75 -3.78 0.44
C ASP A 65 -8.51 -3.58 -1.05
N LEU A 66 -7.35 -4.02 -1.55
CA LEU A 66 -7.04 -3.83 -2.93
C LEU A 66 -6.35 -5.03 -3.50
N GLU A 67 -6.31 -5.09 -4.82
CA GLU A 67 -5.49 -6.05 -5.52
C GLU A 67 -4.42 -5.34 -6.32
N PHE A 68 -3.26 -5.95 -6.42
CA PHE A 68 -2.20 -5.40 -7.25
C PHE A 68 -1.48 -6.52 -7.93
N LYS A 69 -0.95 -6.25 -9.11
CA LYS A 69 -0.19 -7.20 -9.90
C LYS A 69 1.17 -6.56 -10.17
N THR A 70 2.24 -7.33 -10.04
CA THR A 70 3.59 -6.82 -10.29
C THR A 70 4.09 -7.32 -11.63
N ASP A 71 5.13 -6.68 -12.13
CA ASP A 71 6.02 -7.27 -13.16
C ASP A 71 7.39 -7.42 -12.52
N VAL A 72 8.34 -7.97 -13.26
CA VAL A 72 9.70 -8.09 -12.76
C VAL A 72 10.22 -6.76 -12.16
N ASN A 73 10.57 -6.82 -10.88
CA ASN A 73 11.13 -5.69 -10.14
C ASN A 73 10.22 -4.46 -9.99
N THR A 74 8.91 -4.64 -10.06
CA THR A 74 8.01 -3.53 -9.66
C THR A 74 8.36 -2.97 -8.30
N ASN A 75 8.22 -1.66 -8.19
CA ASN A 75 8.45 -0.91 -6.96
C ASN A 75 7.38 0.22 -6.92
N SER A 76 6.55 0.22 -5.88
CA SER A 76 5.38 1.11 -5.76
C SER A 76 4.98 1.04 -4.26
N GLY A 77 3.73 1.29 -3.95
CA GLY A 77 3.24 1.20 -2.58
C GLY A 77 1.92 1.92 -2.36
N VAL A 78 1.40 1.78 -1.14
CA VAL A 78 0.16 2.40 -0.73
C VAL A 78 0.55 3.35 0.40
N VAL A 79 0.06 4.59 0.31
CA VAL A 79 0.38 5.62 1.25
C VAL A 79 -0.86 5.97 2.08
N ILE A 80 -0.75 5.93 3.40
CA ILE A 80 -1.85 6.29 4.26
C ILE A 80 -1.44 7.42 5.20
N TYR A 81 -2.43 8.05 5.79
CA TYR A 81 -2.23 9.09 6.78
C TYR A 81 -1.40 10.26 6.20
N CYS A 82 -1.61 10.58 4.92
CA CYS A 82 -0.84 11.67 4.28
C CYS A 82 -1.42 13.02 4.61
N THR A 83 -0.64 13.86 5.27
CA THR A 83 -1.14 15.19 5.65
C THR A 83 -0.70 16.28 4.66
N ASP A 84 0.19 15.93 3.73
CA ASP A 84 0.71 16.90 2.73
C ASP A 84 1.07 16.12 1.49
N LYS A 85 0.21 16.19 0.50
CA LYS A 85 0.41 15.43 -0.72
C LYS A 85 1.66 15.92 -1.46
N GLY A 86 1.93 17.22 -1.43
CA GLY A 86 3.13 17.80 -2.06
C GLY A 86 4.42 17.28 -1.46
N ASN A 87 4.45 17.22 -0.15
CA ASN A 87 5.63 16.80 0.55
C ASN A 87 5.32 15.48 1.24
N TRP A 88 4.88 14.46 0.50
CA TRP A 88 4.29 13.26 1.12
C TRP A 88 5.30 12.37 1.85
N ILE A 89 6.56 12.40 1.44
CA ILE A 89 7.50 11.42 1.98
C ILE A 89 7.60 11.49 3.52
N PRO A 90 7.88 12.66 4.10
CA PRO A 90 7.95 12.78 5.54
C PRO A 90 6.60 13.03 6.19
N SER A 91 5.52 13.03 5.41
CA SER A 91 4.22 13.43 5.89
C SER A 91 3.22 12.31 5.73
N SER A 92 3.68 11.06 5.71
CA SER A 92 2.79 9.93 5.52
C SER A 92 3.45 8.65 5.98
N ILE A 93 2.64 7.59 5.97
CA ILE A 93 3.11 6.25 6.21
C ILE A 93 2.89 5.39 4.93
N GLU A 94 3.97 4.83 4.43
CA GLU A 94 3.89 3.99 3.25
C GLU A 94 4.01 2.50 3.54
N ILE A 95 3.10 1.73 2.93
CA ILE A 95 3.11 0.29 2.89
C ILE A 95 3.74 -0.05 1.54
N GLN A 96 4.87 -0.75 1.58
CA GLN A 96 5.62 -1.10 0.35
C GLN A 96 4.88 -2.10 -0.55
N ILE A 97 5.05 -1.93 -1.86
CA ILE A 97 4.65 -2.98 -2.80
C ILE A 97 5.87 -3.18 -3.62
N ALA A 98 6.38 -4.41 -3.67
CA ALA A 98 7.58 -4.72 -4.46
C ALA A 98 7.52 -6.15 -4.91
N ASP A 99 8.13 -6.41 -6.06
CA ASP A 99 8.35 -7.77 -6.51
C ASP A 99 9.54 -8.30 -5.76
N ASP A 100 9.30 -8.81 -4.55
CA ASP A 100 10.33 -9.41 -3.70
C ASP A 100 11.08 -10.58 -4.38
N HIS A 101 10.51 -11.18 -5.42
CA HIS A 101 11.18 -12.30 -6.12
C HIS A 101 12.40 -11.91 -6.96
N HIS A 102 12.52 -10.63 -7.30
CA HIS A 102 13.67 -10.16 -8.05
C HIS A 102 14.84 -10.16 -7.06
N PRO A 103 16.00 -10.70 -7.49
CA PRO A 103 17.13 -10.94 -6.58
C PRO A 103 17.71 -9.67 -6.01
N GLU A 104 17.49 -8.56 -6.72
CA GLU A 104 17.84 -7.24 -6.30
C GLU A 104 17.37 -6.97 -4.89
N TRP A 105 16.13 -7.39 -4.56
CA TRP A 105 15.56 -7.15 -3.23
C TRP A 105 16.31 -7.80 -2.05
N GLN A 106 17.17 -8.78 -2.34
CA GLN A 106 18.08 -9.39 -1.36
C GLN A 106 19.24 -8.42 -0.95
N SER A 107 19.36 -7.30 -1.66
CA SER A 107 20.32 -6.26 -1.37
C SER A 107 19.79 -5.23 -0.38
N TYR A 108 18.51 -5.33 0.00
CA TYR A 108 17.84 -4.36 0.89
C TYR A 108 17.31 -5.05 2.15
N PRO A 109 17.26 -4.30 3.26
CA PRO A 109 16.69 -4.87 4.49
C PRO A 109 15.27 -5.43 4.29
N GLU A 110 14.94 -6.50 5.03
CA GLU A 110 13.59 -7.07 5.06
C GLU A 110 12.50 -6.03 5.27
N TYR A 111 12.76 -5.02 6.09
CA TYR A 111 11.72 -4.03 6.43
C TYR A 111 11.59 -2.91 5.38
N TRP A 112 12.26 -3.12 4.24
CA TRP A 112 12.05 -2.36 2.99
C TRP A 112 11.21 -3.11 1.93
N ARG A 113 10.93 -4.40 2.15
CA ARG A 113 10.31 -5.26 1.14
C ARG A 113 8.77 -5.25 1.18
N CYS A 114 8.17 -5.95 0.21
CA CYS A 114 6.68 -5.95 0.04
C CYS A 114 5.87 -6.15 1.32
N GLY A 115 4.86 -5.28 1.55
CA GLY A 115 4.01 -5.43 2.72
C GLY A 115 4.53 -4.74 3.97
N SER A 116 5.79 -4.27 3.91
CA SER A 116 6.38 -3.60 5.07
CA SER A 116 6.39 -3.59 5.05
C SER A 116 5.70 -2.26 5.28
N ILE A 117 5.69 -1.82 6.53
CA ILE A 117 5.51 -0.40 6.84
C ILE A 117 6.92 0.07 6.57
N TYR A 118 7.09 0.61 5.37
CA TYR A 118 8.41 0.83 4.75
C TYR A 118 9.39 1.51 5.73
N GLY A 119 10.57 0.89 5.93
CA GLY A 119 11.66 1.48 6.73
C GLY A 119 11.47 1.36 8.23
N HIS A 120 10.32 0.80 8.67
CA HIS A 120 9.95 0.68 10.07
C HIS A 120 9.65 -0.73 10.59
N LYS A 121 8.89 -1.50 9.82
CA LYS A 121 8.58 -2.88 10.22
C LYS A 121 8.27 -3.75 9.01
N GLY A 122 9.03 -4.85 8.89
CA GLY A 122 8.88 -5.79 7.78
C GLY A 122 7.85 -6.91 8.01
N ALA A 123 7.65 -7.73 6.97
CA ALA A 123 6.74 -8.87 7.05
C ALA A 123 7.25 -9.98 8.00
N ASN A 124 6.30 -10.70 8.60
CA ASN A 124 6.71 -11.79 9.49
C ASN A 124 7.12 -13.05 8.73
N GLU A 125 7.01 -13.00 7.40
CA GLU A 125 7.25 -14.13 6.53
C GLU A 125 7.61 -13.54 5.18
N GLN A 126 8.74 -13.98 4.61
CA GLN A 126 9.22 -13.44 3.35
C GLN A 126 8.54 -14.11 2.17
N LEU A 127 8.54 -13.40 1.03
CA LEU A 127 8.07 -13.95 -0.27
C LEU A 127 6.59 -14.40 -0.20
N VAL A 128 5.82 -13.62 0.55
CA VAL A 128 4.35 -13.76 0.59
C VAL A 128 3.69 -13.18 -0.65
N VAL A 129 4.28 -12.12 -1.25
CA VAL A 129 3.84 -11.66 -2.59
C VAL A 129 4.02 -12.79 -3.62
N LYS A 130 3.09 -12.90 -4.54
CA LYS A 130 3.18 -13.86 -5.62
C LYS A 130 4.19 -13.37 -6.66
N LYS A 131 4.44 -14.23 -7.61
CA LYS A 131 5.29 -13.85 -8.72
C LYS A 131 4.66 -12.78 -9.63
N PRO A 132 5.51 -12.08 -10.40
CA PRO A 132 5.02 -11.24 -11.48
C PRO A 132 3.95 -11.91 -12.32
N GLY A 133 2.90 -11.14 -12.61
CA GLY A 133 1.87 -11.58 -13.50
C GLY A 133 0.64 -12.08 -12.77
N GLU A 134 0.73 -12.19 -11.45
CA GLU A 134 -0.35 -12.74 -10.67
C GLU A 134 -0.98 -11.65 -9.82
N TRP A 135 -2.30 -11.71 -9.65
CA TRP A 135 -2.97 -10.74 -8.77
C TRP A 135 -2.73 -11.05 -7.30
N ASN A 136 -2.36 -10.03 -6.52
CA ASN A 136 -2.18 -10.13 -5.09
C ASN A 136 -3.35 -9.46 -4.42
N ARG A 137 -3.69 -9.87 -3.20
CA ARG A 137 -4.71 -9.17 -2.44
C ARG A 137 -4.07 -8.62 -1.17
N MSE A 138 -4.20 -7.33 -0.93
CA MSE A 138 -3.62 -6.71 0.27
C MSE A 138 -4.71 -5.96 1.01
O MSE A 138 -5.51 -5.27 0.38
CB MSE A 138 -2.48 -5.73 -0.11
CG MSE A 138 -2.01 -4.76 0.98
SE MSE A 138 -0.56 -3.60 0.27
CE MSE A 138 0.69 -4.87 0.74
N ILE A 139 -4.78 -6.16 2.31
CA ILE A 139 -5.81 -5.52 3.13
C ILE A 139 -5.08 -4.79 4.26
N ILE A 140 -5.26 -3.49 4.28
CA ILE A 140 -4.62 -2.61 5.28
C ILE A 140 -5.70 -2.15 6.25
N THR A 141 -5.54 -2.52 7.51
CA THR A 141 -6.46 -2.04 8.57
C THR A 141 -5.69 -0.96 9.28
N ALA A 142 -6.28 0.24 9.29
CA ALA A 142 -5.66 1.47 9.84
C ALA A 142 -6.58 2.03 10.90
N LYS A 143 -6.35 1.61 12.13
CA LYS A 143 -7.26 1.98 13.21
CA LYS A 143 -7.27 2.00 13.21
C LYS A 143 -6.48 2.80 14.22
N GLY A 144 -6.53 4.12 14.05
CA GLY A 144 -5.61 5.01 14.74
C GLY A 144 -4.15 4.53 14.64
N GLN A 145 -3.52 4.35 15.79
CA GLN A 145 -2.11 3.93 15.80
C GLN A 145 -1.87 2.44 15.56
N GLN A 146 -2.94 1.65 15.46
CA GLN A 146 -2.83 0.21 15.21
C GLN A 146 -2.96 -0.09 13.72
N ILE A 147 -1.86 -0.59 13.13
CA ILE A 147 -1.78 -0.86 11.70
C ILE A 147 -1.64 -2.38 11.52
N ASP A 148 -2.52 -2.97 10.71
CA ASP A 148 -2.45 -4.38 10.39
C ASP A 148 -2.52 -4.58 8.89
N ILE A 149 -1.60 -5.41 8.39
CA ILE A 149 -1.50 -5.68 6.97
CA ILE A 149 -1.46 -5.68 6.96
C ILE A 149 -1.66 -7.18 6.70
N GLU A 150 -2.58 -7.49 5.80
CA GLU A 150 -2.86 -8.83 5.35
C GLU A 150 -2.42 -8.88 3.89
N LEU A 151 -1.71 -9.93 3.51
CA LEU A 151 -1.25 -10.12 2.14
C LEU A 151 -1.42 -11.57 1.75
N ASN A 152 -2.18 -11.77 0.68
CA ASN A 152 -2.56 -13.10 0.16
C ASN A 152 -2.96 -14.07 1.27
N GLY A 153 -3.84 -13.56 2.12
CA GLY A 153 -4.43 -14.33 3.22
C GLY A 153 -3.58 -14.53 4.46
N LYS A 154 -2.41 -13.89 4.50
CA LYS A 154 -1.51 -14.02 5.62
C LYS A 154 -1.40 -12.69 6.34
N HIS A 155 -1.56 -12.71 7.66
CA HIS A 155 -1.38 -11.52 8.51
C HIS A 155 0.11 -11.24 8.75
N ILE A 156 0.72 -10.46 7.85
CA ILE A 156 2.18 -10.32 7.85
C ILE A 156 2.71 -9.19 8.79
N VAL A 157 1.88 -8.20 9.07
CA VAL A 157 2.35 -7.07 9.88
C VAL A 157 1.26 -6.66 10.84
N SER A 158 1.68 -6.46 12.08
CA SER A 158 0.83 -5.86 13.11
C SER A 158 1.78 -4.91 13.83
N ALA A 159 1.42 -3.64 13.87
CA ALA A 159 2.27 -2.63 14.45
C ALA A 159 1.45 -1.58 15.21
N ASN A 160 1.92 -1.22 16.40
CA ASN A 160 1.35 -0.12 17.16
C ASN A 160 2.32 1.08 17.07
N LEU A 161 1.89 2.12 16.34
CA LEU A 161 2.76 3.23 15.98
C LEU A 161 3.27 3.97 17.21
N ALA A 162 2.56 3.80 18.33
CA ALA A 162 2.99 4.37 19.59
C ALA A 162 4.37 3.90 20.05
N ASP A 163 4.81 2.72 19.60
CA ASP A 163 6.13 2.17 19.93
C ASP A 163 7.28 2.93 19.25
N TRP A 164 6.99 3.63 18.14
CA TRP A 164 7.98 4.36 17.38
C TRP A 164 8.24 5.76 17.97
N THR A 165 8.83 5.80 19.16
CA THR A 165 9.12 7.08 19.81
C THR A 165 10.34 7.81 19.23
N SER A 166 11.18 7.08 18.50
CA SER A 166 12.32 7.66 17.72
C SER A 166 12.00 7.83 16.23
N GLY A 167 12.40 8.98 15.65
CA GLY A 167 12.37 9.19 14.19
C GLY A 167 13.50 8.54 13.40
N THR A 168 14.50 8.05 14.11
CA THR A 168 15.73 7.48 13.50
C THR A 168 16.02 6.00 13.77
N THR A 169 15.45 5.46 14.85
CA THR A 169 15.75 4.11 15.33
C THR A 169 14.44 3.35 15.58
N ASN A 170 14.30 2.18 14.93
CA ASN A 170 13.19 1.27 15.19
C ASN A 170 13.27 0.70 16.60
N PRO A 171 12.13 0.28 17.20
CA PRO A 171 12.21 -0.30 18.58
C PRO A 171 13.27 -1.40 18.73
N ASP A 172 13.53 -2.15 17.65
CA ASP A 172 14.55 -3.22 17.61
C ASP A 172 15.99 -2.79 17.37
N GLY A 173 16.21 -1.49 17.28
CA GLY A 173 17.54 -0.90 17.16
C GLY A 173 18.05 -0.66 15.74
N THR A 174 17.31 -1.16 14.76
CA THR A 174 17.62 -0.97 13.37
C THR A 174 17.31 0.45 12.88
N GLU A 175 17.99 0.83 11.79
CA GLU A 175 17.91 2.17 11.22
C GLU A 175 16.61 2.45 10.51
N ILE A 176 16.14 3.66 10.68
CA ILE A 176 15.02 4.18 9.91
C ILE A 176 15.66 5.00 8.79
N PRO A 177 15.14 4.90 7.55
CA PRO A 177 15.71 5.74 6.48
C PRO A 177 15.75 7.21 6.86
N GLU A 178 16.87 7.84 6.49
CA GLU A 178 17.17 9.24 6.87
C GLU A 178 16.06 10.21 6.44
N TRP A 179 15.44 9.87 5.32
CA TRP A 179 14.40 10.69 4.70
C TRP A 179 12.98 10.46 5.28
N LEU A 180 12.87 9.62 6.33
CA LEU A 180 11.64 9.41 7.07
C LEU A 180 11.86 9.78 8.55
N PRO A 181 12.01 11.10 8.84
CA PRO A 181 12.57 11.52 10.13
C PRO A 181 11.56 11.65 11.28
N ILE A 182 10.26 11.63 10.99
CA ILE A 182 9.29 11.95 12.03
C ILE A 182 9.00 10.70 12.82
N PRO A 183 9.08 10.76 14.18
CA PRO A 183 8.79 9.60 14.98
C PRO A 183 7.38 9.14 14.64
N TYR A 184 7.20 7.90 14.25
CA TYR A 184 5.86 7.49 13.84
C TYR A 184 4.87 7.48 14.98
N ALA A 185 5.35 7.50 16.24
CA ALA A 185 4.45 7.72 17.42
C ALA A 185 3.78 9.10 17.40
N ASN A 186 4.40 10.04 16.70
CA ASN A 186 3.89 11.43 16.60
C ASN A 186 3.11 11.80 15.32
N MSE A 187 2.95 10.81 14.42
CA MSE A 187 2.25 10.95 13.17
C MSE A 187 0.73 10.96 13.39
O MSE A 187 0.22 10.07 14.06
CB MSE A 187 2.62 9.79 12.24
CG MSE A 187 4.11 9.77 11.78
SE MSE A 187 4.55 11.26 10.66
CE MSE A 187 3.93 10.68 8.99
N PRO A 188 0.02 11.99 12.85
CA PRO A 188 -1.44 11.97 12.73
C PRO A 188 -1.96 10.68 12.11
N THR A 189 -3.09 10.17 12.61
CA THR A 189 -3.67 8.91 12.13
C THR A 189 -4.90 9.19 11.25
N LYS A 190 -4.84 10.31 10.52
CA LYS A 190 -5.88 10.73 9.57
C LYS A 190 -5.18 11.43 8.38
N GLY A 191 -5.55 11.07 7.16
CA GLY A 191 -4.93 11.70 6.03
C GLY A 191 -5.47 11.20 4.71
N TYR A 192 -4.93 11.78 3.64
CA TYR A 192 -5.23 11.33 2.29
C TYR A 192 -4.67 9.93 2.13
N ILE A 193 -5.28 9.18 1.23
CA ILE A 193 -4.76 7.87 0.82
C ILE A 193 -4.23 8.03 -0.60
N GLY A 194 -3.07 7.42 -0.87
CA GLY A 194 -2.48 7.44 -2.21
C GLY A 194 -1.90 6.11 -2.62
N LEU A 195 -1.81 5.93 -3.93
CA LEU A 195 -1.00 4.91 -4.54
C LEU A 195 0.24 5.54 -5.19
N GLN A 196 1.42 5.06 -4.80
CA GLN A 196 2.65 5.50 -5.41
C GLN A 196 2.58 5.07 -6.88
N GLY A 197 3.20 5.83 -7.77
CA GLY A 197 3.31 5.40 -9.16
C GLY A 197 4.45 4.39 -9.34
N LYS A 198 4.90 4.33 -10.57
CA LYS A 198 5.96 3.45 -11.04
C LYS A 198 7.35 4.01 -10.58
N HIS A 199 7.83 3.54 -9.44
CA HIS A 199 9.14 3.99 -8.88
C HIS A 199 10.32 3.21 -9.50
N GLY A 200 10.00 2.11 -10.20
CA GLY A 200 11.00 1.36 -10.98
C GLY A 200 10.81 1.66 -12.45
N GLU A 201 11.45 0.86 -13.29
CA GLU A 201 11.20 0.91 -14.74
C GLU A 201 10.15 -0.13 -15.12
N SER A 202 9.66 -0.89 -14.14
CA SER A 202 8.58 -1.84 -14.40
C SER A 202 7.25 -1.39 -13.81
N ASN A 203 6.21 -1.92 -14.44
CA ASN A 203 4.87 -1.46 -14.23
C ASN A 203 4.16 -2.04 -13.02
N ILE A 204 3.22 -1.25 -12.49
CA ILE A 204 2.35 -1.67 -11.40
C ILE A 204 0.90 -1.57 -11.90
N TRP A 205 0.06 -2.56 -11.59
CA TRP A 205 -1.38 -2.49 -11.90
C TRP A 205 -2.18 -2.69 -10.63
N PHE A 206 -3.26 -1.93 -10.47
CA PHE A 206 -4.17 -2.08 -9.32
C PHE A 206 -5.59 -2.37 -9.82
N ARG A 207 -6.37 -3.09 -9.01
CA ARG A 207 -7.80 -3.22 -9.24
C ARG A 207 -8.57 -3.49 -7.96
N ASN A 208 -9.89 -3.34 -8.09
CA ASN A 208 -10.81 -3.58 -6.97
C ASN A 208 -10.39 -2.95 -5.64
N ILE A 209 -10.02 -1.68 -5.70
CA ILE A 209 -9.60 -0.92 -4.51
C ILE A 209 -10.84 -0.41 -3.80
N GLN A 210 -11.06 -0.89 -2.59
CA GLN A 210 -12.30 -0.67 -1.87
C GLN A 210 -12.00 -0.25 -0.42
N LEU A 211 -12.91 0.49 0.19
CA LEU A 211 -12.65 0.98 1.53
C LEU A 211 -13.89 0.85 2.39
N LYS A 212 -13.65 0.34 3.61
CA LYS A 212 -14.66 0.18 4.62
C LYS A 212 -14.36 1.20 5.71
N GLN A 213 -15.34 2.07 5.96
CA GLN A 213 -15.24 3.06 6.99
C GLN A 213 -15.70 2.43 8.31
N LEU A 214 -14.80 2.30 9.25
CA LEU A 214 -15.14 1.78 10.56
C LEU A 214 -15.55 2.93 11.50
I IOD B . -9.88 -27.38 -9.03
I IOD C . 20.93 -1.33 11.34
I IOD D . -13.77 -12.17 1.51
C1 EDO E . 2.19 -10.06 12.84
O1 EDO E . 1.24 -10.83 13.61
C2 EDO E . 3.52 -9.77 13.56
O2 EDO E . 4.13 -8.55 13.07
C1 EDO F . 9.46 -4.24 15.97
O1 EDO F . 8.44 -4.16 16.98
C2 EDO F . 10.43 -3.15 16.33
O2 EDO F . 11.43 -2.82 15.37
C1 EDO G . 14.02 7.43 22.05
O1 EDO G . 12.89 6.55 22.10
C2 EDO G . 15.34 6.66 22.25
O2 EDO G . 16.24 6.74 21.19
C1 EDO H . 13.34 3.19 20.85
O1 EDO H . 12.13 2.83 20.22
C2 EDO H . 14.39 3.37 19.77
O2 EDO H . 14.97 2.09 19.49
C1 EDO I . -11.39 0.41 -8.04
O1 EDO I . -10.03 0.01 -8.27
C2 EDO I . -11.44 1.91 -7.85
O2 EDO I . -11.52 2.25 -6.44
C1 EDO J . -5.32 8.54 18.18
O1 EDO J . -5.38 7.16 18.53
C2 EDO J . -4.13 8.65 17.23
O2 EDO J . -4.16 9.91 16.55
#